data_6EHA
#
_entry.id   6EHA
#
_cell.length_a   61.411
_cell.length_b   54.566
_cell.length_c   72.540
_cell.angle_alpha   90.00
_cell.angle_beta   99.54
_cell.angle_gamma   90.00
#
_symmetry.space_group_name_H-M   'P 1 21 1'
#
loop_
_entity.id
_entity.type
_entity.pdbx_description
1 polymer 'Heme oxygenase 1'
2 non-polymer 'PROTOPORPHYRIN IX CONTAINING FE'
3 non-polymer 1-(3-imidazol-1-ylpropyl)-5-(2-methylpropyl)-4-phenyl-imidazole
4 water water
#
_entity_poly.entity_id   1
_entity_poly.type   'polypeptide(L)'
_entity_poly.pdbx_seq_one_letter_code
;MERPQPDSMPQDLSEALKEATKEVHTQAENAEFMRNFQKGQVTRDGFKLVMASLYHIYVALEEEIERNKESPVFAPVYFP
EELHRKAALEQDLAFWYGPRWQEVIPYTPAMQRYVKRLHEVGRTEPELLVAHAYTRYLGDLSGGQVLKKIAQKALDLPSS
GEGLAFFTFPNIASATKFKQLYRSRMNSLEMTPAVRQRVIEEAKTAFLLNIQLFEELQELLTHDTKDQSPSRAPGLRQRA
SNKVQDSAPVETPRGKPPLNTRSQAPLLRWVLTLSFLVATVAVGLYAM
;
_entity_poly.pdbx_strand_id   A,B
#
# COMPACT_ATOMS: atom_id res chain seq x y z
N PRO A 10 21.76 -27.92 10.82
CA PRO A 10 21.05 -27.73 12.09
C PRO A 10 19.75 -28.50 12.17
N GLN A 11 19.12 -28.49 13.34
CA GLN A 11 17.80 -29.05 13.44
C GLN A 11 16.76 -28.14 12.76
N ASP A 12 16.74 -26.87 13.15
CA ASP A 12 15.68 -25.96 12.71
C ASP A 12 16.00 -25.50 11.31
N LEU A 13 15.07 -25.72 10.40
CA LEU A 13 15.17 -25.17 9.06
C LEU A 13 15.60 -23.69 9.01
N SER A 14 15.06 -22.89 9.91
CA SER A 14 15.42 -21.48 9.97
C SER A 14 16.90 -21.27 10.23
N GLU A 15 17.49 -22.08 11.12
CA GLU A 15 18.93 -22.05 11.35
C GLU A 15 19.71 -22.66 10.18
N ALA A 16 19.23 -23.81 9.65
CA ALA A 16 19.91 -24.43 8.53
C ALA A 16 19.98 -23.47 7.34
N LEU A 17 18.94 -22.65 7.12
CA LEU A 17 18.93 -21.73 5.99
C LEU A 17 19.92 -20.62 6.21
N LYS A 18 19.87 -20.01 7.39
CA LYS A 18 20.78 -18.90 7.71
C LYS A 18 22.25 -19.35 7.60
N GLU A 19 22.57 -20.51 8.14
CA GLU A 19 23.92 -21.05 8.06
C GLU A 19 24.33 -21.36 6.63
N ALA A 20 23.48 -22.10 5.93
CA ALA A 20 23.80 -22.49 4.56
C ALA A 20 23.90 -21.31 3.58
N THR A 21 23.21 -20.21 3.84
CA THR A 21 23.27 -19.06 2.90
C THR A 21 24.24 -17.98 3.31
N LYS A 22 24.95 -18.16 4.43
CA LYS A 22 25.84 -17.10 4.91
C LYS A 22 26.85 -16.71 3.82
N GLU A 23 27.41 -17.69 3.13
CA GLU A 23 28.43 -17.42 2.15
C GLU A 23 27.85 -16.59 1.00
N VAL A 24 26.75 -17.06 0.41
CA VAL A 24 26.13 -16.30 -0.70
C VAL A 24 25.67 -14.95 -0.23
N HIS A 25 25.29 -14.87 1.03
CA HIS A 25 24.84 -13.60 1.57
C HIS A 25 26.00 -12.58 1.58
N THR A 26 27.20 -13.06 1.91
CA THR A 26 28.38 -12.20 1.90
C THR A 26 28.70 -11.77 0.47
N GLN A 27 28.55 -12.69 -0.48
CA GLN A 27 28.68 -12.39 -1.92
C GLN A 27 27.75 -11.25 -2.34
N ALA A 28 26.49 -11.34 -1.93
CA ALA A 28 25.54 -10.24 -2.15
C ALA A 28 26.00 -8.93 -1.51
N GLU A 29 26.43 -9.00 -0.27
CA GLU A 29 27.05 -7.82 0.39
C GLU A 29 28.27 -7.30 -0.36
N ASN A 30 29.07 -8.21 -0.94
CA ASN A 30 30.25 -7.84 -1.67
C ASN A 30 30.04 -7.41 -3.09
N ALA A 31 28.86 -7.68 -3.67
CA ALA A 31 28.57 -7.19 -5.03
C ALA A 31 28.88 -5.71 -5.12
N GLU A 32 29.41 -5.32 -6.28
CA GLU A 32 29.87 -3.98 -6.53
C GLU A 32 28.81 -2.93 -6.32
N PHE A 33 27.59 -3.23 -6.77
CA PHE A 33 26.48 -2.28 -6.61
C PHE A 33 26.08 -2.12 -5.13
N MET A 34 26.06 -3.21 -4.37
CA MET A 34 25.78 -3.12 -2.93
C MET A 34 26.90 -2.45 -2.14
N ARG A 35 28.15 -2.66 -2.55
CA ARG A 35 29.30 -1.98 -1.94
C ARG A 35 29.19 -0.49 -2.13
N ASN A 36 28.96 -0.05 -3.37
CA ASN A 36 28.72 1.37 -3.61
C ASN A 36 27.56 1.87 -2.78
N PHE A 37 26.51 1.06 -2.65
CA PHE A 37 25.37 1.42 -1.85
C PHE A 37 25.78 1.68 -0.41
N GLN A 38 26.42 0.66 0.22
CA GLN A 38 26.79 0.75 1.64
C GLN A 38 27.74 1.92 1.91
N LYS A 39 28.60 2.23 0.94
CA LYS A 39 29.49 3.38 1.00
C LYS A 39 28.78 4.71 0.73
N GLY A 40 27.46 4.69 0.61
CA GLY A 40 26.67 5.88 0.38
C GLY A 40 26.72 6.42 -1.03
N GLN A 41 27.40 5.75 -1.94
CA GLN A 41 27.44 6.15 -3.34
C GLN A 41 26.36 5.36 -4.03
N VAL A 42 25.15 5.91 -4.01
CA VAL A 42 24.02 5.44 -4.81
C VAL A 42 23.41 6.69 -5.40
N THR A 43 23.06 6.61 -6.68
CA THR A 43 22.44 7.71 -7.38
C THR A 43 20.92 7.49 -7.45
N ARG A 44 20.16 8.56 -7.75
CA ARG A 44 18.75 8.41 -8.03
C ARG A 44 18.50 7.43 -9.16
N ASP A 45 19.30 7.48 -10.23
CA ASP A 45 19.15 6.51 -11.31
C ASP A 45 19.32 5.07 -10.82
N GLY A 46 20.33 4.85 -10.00
CA GLY A 46 20.53 3.53 -9.43
C GLY A 46 19.38 3.11 -8.54
N PHE A 47 18.95 4.00 -7.68
CA PHE A 47 17.86 3.71 -6.76
C PHE A 47 16.56 3.48 -7.48
N LYS A 48 16.37 4.15 -8.60
CA LYS A 48 15.17 3.90 -9.38
C LYS A 48 15.11 2.46 -9.88
N LEU A 49 16.25 1.98 -10.37
CA LEU A 49 16.39 0.62 -10.84
C LEU A 49 16.21 -0.41 -9.74
N VAL A 50 16.69 -0.11 -8.56
CA VAL A 50 16.41 -1.08 -7.47
C VAL A 50 14.90 -1.16 -7.17
N MET A 51 14.24 0.00 -7.17
CA MET A 51 12.81 0.07 -6.86
C MET A 51 12.02 -0.62 -7.94
N ALA A 52 12.45 -0.45 -9.20
CA ALA A 52 11.83 -1.19 -10.30
C ALA A 52 12.04 -2.67 -10.18
N SER A 53 13.28 -3.09 -9.91
CA SER A 53 13.53 -4.50 -9.71
C SER A 53 12.65 -5.12 -8.60
N LEU A 54 12.60 -4.44 -7.46
CA LEU A 54 11.84 -4.97 -6.31
C LEU A 54 10.36 -5.12 -6.69
N TYR A 55 9.81 -4.14 -7.44
CA TYR A 55 8.45 -4.24 -7.87
C TYR A 55 8.20 -5.51 -8.66
N HIS A 56 9.01 -5.77 -9.70
CA HIS A 56 8.78 -6.99 -10.51
C HIS A 56 8.97 -8.25 -9.68
N ILE A 57 9.94 -8.24 -8.78
CA ILE A 57 10.18 -9.38 -7.89
C ILE A 57 9.00 -9.65 -6.94
N TYR A 58 8.52 -8.61 -6.28
CA TYR A 58 7.39 -8.80 -5.32
C TYR A 58 6.06 -9.08 -6.00
N VAL A 59 5.85 -8.52 -7.20
CA VAL A 59 4.68 -8.85 -7.99
C VAL A 59 4.61 -10.36 -8.20
N ALA A 60 5.70 -10.93 -8.65
CA ALA A 60 5.69 -12.32 -9.03
C ALA A 60 5.67 -13.24 -7.80
N LEU A 61 6.48 -12.89 -6.80
CA LEU A 61 6.45 -13.63 -5.52
C LEU A 61 5.08 -13.67 -4.81
N GLU A 62 4.41 -12.52 -4.72
CA GLU A 62 3.12 -12.41 -4.05
C GLU A 62 2.01 -13.04 -4.89
N GLU A 63 2.17 -13.02 -6.22
CA GLU A 63 1.30 -13.81 -7.10
C GLU A 63 1.33 -15.29 -6.76
N GLU A 64 2.51 -15.82 -6.55
CA GLU A 64 2.70 -17.23 -6.32
C GLU A 64 2.40 -17.64 -4.90
N ILE A 65 2.66 -16.73 -3.97
CA ILE A 65 2.20 -16.96 -2.59
C ILE A 65 0.67 -17.11 -2.55
N GLU A 66 -0.02 -16.23 -3.28
CA GLU A 66 -1.48 -16.29 -3.36
C GLU A 66 -1.98 -17.57 -4.00
N ARG A 67 -1.39 -17.96 -5.12
CA ARG A 67 -1.70 -19.26 -5.71
C ARG A 67 -1.53 -20.40 -4.70
N ASN A 68 -0.55 -20.32 -3.80
CA ASN A 68 -0.23 -21.42 -2.91
C ASN A 68 -0.64 -21.25 -1.45
N LYS A 69 -1.53 -20.28 -1.18
CA LYS A 69 -1.76 -19.89 0.21
C LYS A 69 -2.35 -21.01 1.08
N GLU A 70 -3.10 -21.92 0.46
CA GLU A 70 -3.73 -23.02 1.17
C GLU A 70 -2.95 -24.33 1.04
N SER A 71 -1.83 -24.34 0.31
CA SER A 71 -1.04 -25.56 0.21
C SER A 71 -0.35 -25.90 1.52
N PRO A 72 -0.32 -27.18 1.89
CA PRO A 72 0.44 -27.56 3.10
C PRO A 72 1.92 -27.22 3.02
N VAL A 73 2.47 -27.08 1.82
CA VAL A 73 3.90 -26.73 1.70
C VAL A 73 4.21 -25.24 1.85
N PHE A 74 3.16 -24.40 1.97
CA PHE A 74 3.33 -22.95 2.19
C PHE A 74 2.48 -22.32 3.27
N ALA A 75 1.23 -22.76 3.45
CA ALA A 75 0.26 -22.11 4.34
C ALA A 75 0.77 -21.64 5.69
N PRO A 76 1.64 -22.41 6.39
CA PRO A 76 2.10 -21.95 7.68
C PRO A 76 2.90 -20.63 7.66
N VAL A 77 3.48 -20.26 6.53
CA VAL A 77 4.19 -18.97 6.43
C VAL A 77 3.40 -17.97 5.60
N TYR A 78 2.12 -18.22 5.39
CA TYR A 78 1.26 -17.22 4.69
C TYR A 78 0.90 -16.06 5.65
N PHE A 79 1.54 -14.91 5.47
CA PHE A 79 1.27 -13.72 6.27
C PHE A 79 1.02 -12.49 5.35
N PRO A 80 -0.08 -12.49 4.58
CA PRO A 80 -0.27 -11.46 3.52
C PRO A 80 -0.34 -10.03 4.06
N GLU A 81 -1.10 -9.81 5.14
CA GLU A 81 -1.21 -8.44 5.71
C GLU A 81 0.10 -7.94 6.29
N GLU A 82 0.85 -8.83 6.96
CA GLU A 82 2.10 -8.40 7.62
C GLU A 82 3.19 -8.08 6.61
N LEU A 83 3.26 -8.84 5.53
CA LEU A 83 4.43 -8.81 4.61
C LEU A 83 4.24 -8.27 3.21
N HIS A 84 3.03 -8.26 2.70
CA HIS A 84 2.85 -7.87 1.28
C HIS A 84 3.52 -6.51 0.96
N ARG A 85 4.28 -6.49 -0.14
CA ARG A 85 5.03 -5.33 -0.56
C ARG A 85 4.58 -4.71 -1.87
N LYS A 86 3.71 -5.35 -2.62
CA LYS A 86 3.33 -4.81 -3.94
C LYS A 86 2.74 -3.41 -3.87
N ALA A 87 1.80 -3.20 -2.98
CA ALA A 87 1.09 -1.91 -2.95
C ALA A 87 2.06 -0.80 -2.52
N ALA A 88 2.96 -1.12 -1.61
CA ALA A 88 3.98 -0.14 -1.24
C ALA A 88 4.89 0.23 -2.39
N LEU A 89 5.27 -0.77 -3.19
CA LEU A 89 6.11 -0.52 -4.33
C LEU A 89 5.39 0.26 -5.42
N GLU A 90 4.11 -0.02 -5.60
CA GLU A 90 3.28 0.83 -6.49
C GLU A 90 3.33 2.27 -6.09
N GLN A 91 3.06 2.53 -4.84
CA GLN A 91 3.17 3.90 -4.25
C GLN A 91 4.55 4.53 -4.53
N ASP A 92 5.60 3.75 -4.30
CA ASP A 92 6.93 4.25 -4.44
C ASP A 92 7.29 4.53 -5.90
N LEU A 93 6.85 3.66 -6.81
CA LEU A 93 7.19 3.87 -8.21
C LEU A 93 6.45 5.07 -8.79
N ALA A 94 5.23 5.33 -8.34
CA ALA A 94 4.54 6.59 -8.79
C ALA A 94 5.40 7.80 -8.45
N PHE A 95 6.09 7.75 -7.32
CA PHE A 95 6.96 8.82 -6.93
C PHE A 95 8.22 8.86 -7.77
N TRP A 96 8.89 7.72 -7.91
CA TRP A 96 10.20 7.68 -8.58
C TRP A 96 10.12 7.85 -10.09
N TYR A 97 9.07 7.31 -10.69
CA TYR A 97 8.92 7.31 -12.13
C TYR A 97 7.74 8.16 -12.57
N GLY A 98 7.01 8.76 -11.63
CA GLY A 98 5.90 9.63 -11.93
C GLY A 98 4.60 8.91 -12.26
N PRO A 99 3.53 9.69 -12.57
CA PRO A 99 2.21 9.11 -12.80
C PRO A 99 2.13 7.98 -13.85
N ARG A 100 3.06 7.94 -14.81
CA ARG A 100 2.96 6.98 -15.93
C ARG A 100 3.92 5.83 -15.73
N TRP A 101 4.32 5.63 -14.48
CA TRP A 101 5.35 4.63 -14.17
C TRP A 101 5.08 3.26 -14.73
N GLN A 102 3.81 2.83 -14.81
CA GLN A 102 3.52 1.52 -15.42
C GLN A 102 3.99 1.42 -16.87
N GLU A 103 4.04 2.53 -17.58
CA GLU A 103 4.45 2.54 -18.99
C GLU A 103 5.98 2.69 -19.18
N VAL A 104 6.68 3.22 -18.19
CA VAL A 104 8.07 3.55 -18.37
C VAL A 104 9.03 2.75 -17.50
N ILE A 105 8.59 2.05 -16.45
CA ILE A 105 9.61 1.34 -15.64
C ILE A 105 10.33 0.28 -16.48
N PRO A 106 11.62 0.07 -16.25
CA PRO A 106 12.32 -1.02 -16.91
C PRO A 106 11.98 -2.37 -16.36
N TYR A 107 12.11 -3.37 -17.23
CA TYR A 107 11.92 -4.80 -16.94
C TYR A 107 13.06 -5.50 -17.69
N THR A 108 14.21 -5.60 -17.02
CA THR A 108 15.43 -6.08 -17.68
C THR A 108 15.53 -7.59 -17.73
N PRO A 109 16.44 -8.13 -18.57
CA PRO A 109 16.66 -9.56 -18.57
C PRO A 109 16.98 -10.21 -17.26
N ALA A 110 17.78 -9.56 -16.40
CA ALA A 110 18.05 -10.16 -15.07
C ALA A 110 16.83 -10.10 -14.15
N MET A 111 16.07 -9.01 -14.20
CA MET A 111 14.78 -8.97 -13.54
C MET A 111 13.89 -10.15 -14.03
N GLN A 112 13.79 -10.37 -15.35
CA GLN A 112 12.95 -11.44 -15.90
C GLN A 112 13.37 -12.82 -15.47
N ARG A 113 14.68 -13.02 -15.33
CA ARG A 113 15.22 -14.34 -14.97
C ARG A 113 14.82 -14.70 -13.55
N TYR A 114 14.86 -13.70 -12.70
CA TYR A 114 14.37 -13.87 -11.33
C TYR A 114 12.84 -14.16 -11.31
N VAL A 115 12.09 -13.31 -11.98
CA VAL A 115 10.64 -13.48 -12.03
C VAL A 115 10.24 -14.85 -12.60
N LYS A 116 10.95 -15.27 -13.65
CA LYS A 116 10.68 -16.60 -14.27
C LYS A 116 10.92 -17.73 -13.26
N ARG A 117 11.96 -17.65 -12.47
CA ARG A 117 12.20 -18.69 -11.48
C ARG A 117 11.12 -18.67 -10.37
N LEU A 118 10.75 -17.48 -9.91
CA LEU A 118 9.64 -17.35 -8.99
C LEU A 118 8.38 -18.04 -9.51
N HIS A 119 7.99 -17.77 -10.76
CA HIS A 119 6.79 -18.38 -11.34
C HIS A 119 6.96 -19.88 -11.56
N GLU A 120 8.12 -20.32 -12.04
CA GLU A 120 8.41 -21.77 -12.09
C GLU A 120 8.23 -22.42 -10.73
N VAL A 121 8.75 -21.79 -9.69
CA VAL A 121 8.67 -22.40 -8.33
C VAL A 121 7.21 -22.45 -7.86
N GLY A 122 6.53 -21.32 -7.98
CA GLY A 122 5.15 -21.25 -7.56
C GLY A 122 4.23 -22.22 -8.30
N ARG A 123 4.45 -22.44 -9.58
CA ARG A 123 3.58 -23.29 -10.41
C ARG A 123 3.92 -24.77 -10.38
N THR A 124 5.21 -25.11 -10.40
CA THR A 124 5.63 -26.49 -10.53
C THR A 124 6.45 -27.03 -9.37
N GLU A 125 7.07 -26.18 -8.55
CA GLU A 125 7.81 -26.66 -7.38
C GLU A 125 7.42 -25.86 -6.13
N PRO A 126 6.13 -25.80 -5.81
CA PRO A 126 5.65 -24.91 -4.76
C PRO A 126 6.26 -25.15 -3.37
N GLU A 127 6.72 -26.38 -3.10
CA GLU A 127 7.44 -26.67 -1.86
C GLU A 127 8.71 -25.86 -1.65
N LEU A 128 9.23 -25.25 -2.73
CA LEU A 128 10.42 -24.41 -2.61
C LEU A 128 10.07 -22.93 -2.44
N LEU A 129 8.78 -22.60 -2.39
CA LEU A 129 8.41 -21.20 -2.42
C LEU A 129 8.91 -20.52 -1.16
N VAL A 130 8.83 -21.25 -0.04
CA VAL A 130 9.31 -20.78 1.24
C VAL A 130 10.74 -20.28 1.21
N ALA A 131 11.59 -20.92 0.38
CA ALA A 131 12.98 -20.42 0.17
C ALA A 131 13.02 -19.03 -0.38
N HIS A 132 12.15 -18.74 -1.33
CA HIS A 132 12.06 -17.41 -1.90
C HIS A 132 11.47 -16.39 -0.99
N ALA A 133 10.46 -16.80 -0.27
CA ALA A 133 9.81 -15.89 0.72
C ALA A 133 10.75 -15.56 1.86
N TYR A 134 11.47 -16.57 2.33
CA TYR A 134 12.58 -16.37 3.28
C TYR A 134 13.63 -15.36 2.82
N THR A 135 14.18 -15.63 1.64
CA THR A 135 15.26 -14.80 1.11
C THR A 135 14.85 -13.32 1.06
N ARG A 136 13.66 -13.06 0.57
CA ARG A 136 13.12 -11.71 0.49
C ARG A 136 12.63 -11.13 1.81
N TYR A 137 11.61 -11.76 2.40
CA TYR A 137 10.92 -11.11 3.48
C TYR A 137 11.80 -11.00 4.72
N LEU A 138 12.50 -12.08 5.05
CA LEU A 138 13.30 -12.04 6.23
C LEU A 138 14.46 -11.06 6.08
N GLY A 139 15.14 -11.13 4.93
CA GLY A 139 16.07 -10.05 4.51
C GLY A 139 15.51 -8.65 4.76
N ASP A 140 14.35 -8.37 4.16
CA ASP A 140 13.70 -7.04 4.29
C ASP A 140 13.48 -6.58 5.70
N LEU A 141 13.19 -7.52 6.60
CA LEU A 141 12.95 -7.16 7.97
C LEU A 141 14.21 -6.81 8.72
N SER A 142 15.30 -7.50 8.43
CA SER A 142 16.55 -7.31 9.14
C SER A 142 17.35 -6.15 8.68
N GLY A 143 17.05 -5.69 7.49
CA GLY A 143 17.91 -4.78 6.81
C GLY A 143 17.41 -3.43 6.43
N GLY A 144 16.10 -3.36 6.15
CA GLY A 144 15.46 -2.12 5.78
C GLY A 144 16.05 -0.93 6.51
N GLN A 145 16.20 -1.03 7.86
CA GLN A 145 16.65 0.09 8.73
C GLN A 145 17.82 0.91 8.16
N VAL A 146 18.99 0.29 7.99
CA VAL A 146 20.24 1.01 7.76
C VAL A 146 20.39 1.43 6.30
N LEU A 147 20.06 0.53 5.38
CA LEU A 147 20.09 0.85 3.96
C LEU A 147 19.10 1.99 3.59
N LYS A 148 17.96 2.02 4.26
CA LYS A 148 17.05 3.14 4.09
C LYS A 148 17.74 4.43 4.44
N LYS A 149 18.38 4.49 5.59
CA LYS A 149 19.03 5.73 6.07
C LYS A 149 20.07 6.18 5.08
N ILE A 150 20.82 5.24 4.52
CA ILE A 150 21.88 5.57 3.59
C ILE A 150 21.22 6.19 2.35
N ALA A 151 20.16 5.54 1.89
CA ALA A 151 19.42 6.02 0.75
C ALA A 151 18.97 7.46 0.93
N GLN A 152 18.29 7.75 2.04
CA GLN A 152 17.77 9.10 2.32
C GLN A 152 18.86 10.15 2.26
N LYS A 153 20.04 9.81 2.79
CA LYS A 153 21.19 10.70 2.78
C LYS A 153 21.71 10.96 1.39
N ALA A 154 21.98 9.89 0.66
CA ALA A 154 22.48 10.00 -0.72
C ALA A 154 21.47 10.71 -1.63
N LEU A 155 20.20 10.36 -1.50
CA LEU A 155 19.19 10.79 -2.43
C LEU A 155 18.70 12.21 -2.17
N ASP A 156 18.68 12.63 -0.91
CA ASP A 156 18.34 14.02 -0.56
C ASP A 156 17.00 14.36 -1.19
N LEU A 157 15.97 13.64 -0.78
CA LEU A 157 14.63 13.80 -1.36
C LEU A 157 14.07 15.12 -0.89
N PRO A 158 13.12 15.69 -1.66
CA PRO A 158 12.26 16.69 -1.02
C PRO A 158 11.41 15.99 0.03
N SER A 159 10.85 16.74 0.96
CA SER A 159 10.04 16.17 2.03
C SER A 159 8.61 16.00 1.53
N SER A 160 8.43 15.10 0.56
CA SER A 160 7.16 14.98 -0.11
C SER A 160 6.37 13.80 0.40
N GLY A 161 6.85 13.14 1.46
CA GLY A 161 6.06 12.08 2.13
C GLY A 161 5.88 10.78 1.33
N GLU A 162 6.69 10.57 0.31
CA GLU A 162 6.60 9.33 -0.44
C GLU A 162 7.93 8.94 -1.06
N GLY A 163 7.96 7.72 -1.57
CA GLY A 163 9.13 7.20 -2.25
C GLY A 163 9.78 6.04 -1.55
N LEU A 164 9.60 5.92 -0.24
CA LEU A 164 10.26 4.89 0.57
C LEU A 164 9.32 4.02 1.42
N ALA A 165 8.07 3.92 1.01
CA ALA A 165 7.11 3.07 1.73
C ALA A 165 7.54 1.60 1.82
N PHE A 166 8.22 1.11 0.80
CA PHE A 166 8.76 -0.27 0.76
C PHE A 166 9.50 -0.69 2.04
N PHE A 167 10.23 0.25 2.62
CA PHE A 167 11.04 -0.02 3.80
C PHE A 167 10.29 0.03 5.14
N THR A 168 8.97 0.29 5.13
CA THR A 168 8.16 0.20 6.33
C THR A 168 7.14 -0.92 6.18
N PHE A 169 7.16 -1.87 7.11
CA PHE A 169 6.07 -2.84 7.17
C PHE A 169 5.05 -2.36 8.19
N PRO A 170 3.98 -1.70 7.74
CA PRO A 170 3.11 -1.07 8.74
C PRO A 170 2.35 -2.02 9.62
N ASN A 171 2.12 -3.24 9.15
CA ASN A 171 1.32 -4.23 9.83
C ASN A 171 2.16 -5.18 10.70
N ILE A 172 3.40 -4.83 10.95
CA ILE A 172 4.25 -5.54 11.88
C ILE A 172 4.67 -4.51 12.93
N ALA A 173 4.25 -4.74 14.18
CA ALA A 173 4.62 -3.87 15.30
C ALA A 173 6.06 -4.03 15.71
N SER A 174 6.58 -5.26 15.72
CA SER A 174 7.97 -5.52 16.03
C SER A 174 8.57 -6.48 15.05
N ALA A 175 9.61 -6.08 14.35
CA ALA A 175 10.28 -6.94 13.40
C ALA A 175 10.96 -8.14 14.09
N THR A 176 11.49 -7.92 15.27
CA THR A 176 12.12 -8.98 16.03
C THR A 176 11.12 -10.09 16.38
N LYS A 177 9.96 -9.71 16.93
CA LYS A 177 8.97 -10.69 17.30
C LYS A 177 8.34 -11.37 16.07
N PHE A 178 8.14 -10.61 15.00
CA PHE A 178 7.60 -11.20 13.81
C PHE A 178 8.56 -12.16 13.16
N LYS A 179 9.83 -11.79 13.16
CA LYS A 179 10.83 -12.72 12.64
C LYS A 179 10.93 -14.03 13.45
N GLN A 180 10.72 -13.97 14.76
CA GLN A 180 10.70 -15.20 15.57
C GLN A 180 9.48 -16.04 15.24
N LEU A 181 8.32 -15.40 15.14
CA LEU A 181 7.13 -16.07 14.66
C LEU A 181 7.37 -16.72 13.27
N TYR A 182 8.00 -16.00 12.33
CA TYR A 182 8.13 -16.53 10.98
C TYR A 182 9.06 -17.76 11.02
N ARG A 183 10.15 -17.64 11.76
CA ARG A 183 11.06 -18.77 11.94
C ARG A 183 10.36 -19.99 12.50
N SER A 184 9.62 -19.76 13.58
CA SER A 184 8.74 -20.78 14.15
C SER A 184 7.87 -21.48 13.11
N ARG A 185 7.16 -20.71 12.29
CA ARG A 185 6.30 -21.32 11.29
C ARG A 185 7.09 -22.07 10.18
N MET A 186 8.16 -21.47 9.67
CA MET A 186 9.09 -22.20 8.82
C MET A 186 9.51 -23.51 9.47
N ASN A 187 9.84 -23.49 10.76
CA ASN A 187 10.34 -24.71 11.39
C ASN A 187 9.29 -25.78 11.57
N SER A 188 8.01 -25.40 11.46
CA SER A 188 6.88 -26.30 11.60
C SER A 188 6.60 -27.02 10.29
N LEU A 189 7.13 -26.54 9.17
CA LEU A 189 6.87 -27.20 7.91
C LEU A 189 7.49 -28.59 7.96
N GLU A 190 6.72 -29.59 7.57
CA GLU A 190 7.24 -30.94 7.51
C GLU A 190 7.67 -31.22 6.10
N MET A 191 8.93 -31.64 5.96
CA MET A 191 9.49 -32.02 4.67
C MET A 191 10.40 -33.23 4.83
N THR A 192 10.52 -34.02 3.77
CA THR A 192 11.51 -35.10 3.73
C THR A 192 12.90 -34.48 3.70
N PRO A 193 13.95 -35.26 4.05
CA PRO A 193 15.31 -34.73 3.90
C PRO A 193 15.65 -34.24 2.49
N ALA A 194 15.08 -34.86 1.45
CA ALA A 194 15.33 -34.45 0.07
C ALA A 194 14.76 -33.08 -0.23
N VAL A 195 13.51 -32.86 0.17
CA VAL A 195 12.83 -31.56 -0.04
C VAL A 195 13.58 -30.46 0.72
N ARG A 196 13.96 -30.75 1.94
CA ARG A 196 14.70 -29.84 2.75
C ARG A 196 16.04 -29.46 2.10
N GLN A 197 16.74 -30.43 1.53
CA GLN A 197 17.98 -30.13 0.80
C GLN A 197 17.67 -29.22 -0.37
N ARG A 198 16.58 -29.51 -1.05
CA ARG A 198 16.15 -28.65 -2.17
C ARG A 198 15.76 -27.25 -1.77
N VAL A 199 15.11 -27.12 -0.62
CA VAL A 199 14.75 -25.80 -0.10
C VAL A 199 16.01 -24.94 0.18
N ILE A 200 16.98 -25.53 0.84
CA ILE A 200 18.25 -24.88 1.10
C ILE A 200 18.90 -24.42 -0.20
N GLU A 201 18.98 -25.34 -1.15
CA GLU A 201 19.61 -25.05 -2.43
C GLU A 201 18.85 -23.94 -3.14
N GLU A 202 17.51 -23.93 -3.00
CA GLU A 202 16.71 -22.87 -3.65
C GLU A 202 16.98 -21.48 -3.07
N ALA A 203 17.21 -21.41 -1.77
CA ALA A 203 17.60 -20.15 -1.14
C ALA A 203 18.93 -19.62 -1.70
N LYS A 204 19.91 -20.50 -1.83
CA LYS A 204 21.15 -20.11 -2.49
C LYS A 204 20.86 -19.60 -3.91
N THR A 205 20.02 -20.33 -4.64
CA THR A 205 19.62 -19.89 -5.95
C THR A 205 18.99 -18.49 -5.90
N ALA A 206 18.08 -18.26 -4.94
CA ALA A 206 17.50 -16.94 -4.77
C ALA A 206 18.56 -15.85 -4.63
N PHE A 207 19.54 -16.08 -3.74
CA PHE A 207 20.63 -15.15 -3.55
C PHE A 207 21.35 -14.89 -4.85
N LEU A 208 21.60 -15.96 -5.60
CA LEU A 208 22.34 -15.83 -6.86
C LEU A 208 21.62 -15.01 -7.85
N LEU A 209 20.29 -15.18 -7.90
CA LEU A 209 19.44 -14.36 -8.75
C LEU A 209 19.53 -12.88 -8.43
N ASN A 210 19.62 -12.57 -7.16
CA ASN A 210 19.81 -11.19 -6.72
C ASN A 210 21.18 -10.64 -7.12
N ILE A 211 22.22 -11.43 -6.87
CA ILE A 211 23.58 -11.07 -7.20
C ILE A 211 23.73 -10.79 -8.70
N GLN A 212 23.16 -11.66 -9.52
CA GLN A 212 23.14 -11.48 -10.96
C GLN A 212 22.39 -10.22 -11.33
N LEU A 213 21.27 -9.98 -10.64
CA LEU A 213 20.58 -8.75 -10.91
C LEU A 213 21.46 -7.53 -10.56
N PHE A 214 22.08 -7.59 -9.38
CA PHE A 214 22.99 -6.50 -8.98
C PHE A 214 24.09 -6.27 -10.02
N GLU A 215 24.64 -7.36 -10.55
CA GLU A 215 25.68 -7.27 -11.60
C GLU A 215 25.16 -6.56 -12.82
N GLU A 216 23.93 -6.86 -13.20
CA GLU A 216 23.31 -6.22 -14.36
C GLU A 216 23.06 -4.72 -14.13
N LEU A 217 22.50 -4.35 -13.00
CA LEU A 217 22.20 -2.96 -12.75
C LEU A 217 23.48 -2.12 -12.76
N GLN A 218 24.55 -2.68 -12.19
CA GLN A 218 25.84 -1.99 -12.19
C GLN A 218 26.30 -1.72 -13.63
N GLU A 219 26.20 -2.74 -14.49
CA GLU A 219 26.50 -2.59 -15.93
C GLU A 219 25.66 -1.49 -16.59
N LEU A 220 24.34 -1.55 -16.40
CA LEU A 220 23.44 -0.61 -17.06
C LEU A 220 23.75 0.84 -16.68
N LEU A 221 24.17 1.04 -15.45
CA LEU A 221 24.45 2.39 -14.93
C LEU A 221 25.82 2.98 -15.26
N THR A 222 26.73 2.24 -15.88
CA THR A 222 28.12 2.67 -15.95
C THR A 222 28.61 2.72 -17.40
N HIS A 223 27.83 3.37 -18.29
CA HIS A 223 28.19 3.50 -19.72
C HIS A 223 28.74 4.86 -20.07
N PRO B 10 -31.22 15.51 -12.92
CA PRO B 10 -30.77 15.28 -14.29
C PRO B 10 -30.82 13.82 -14.66
N GLN B 11 -30.42 13.54 -15.89
CA GLN B 11 -30.55 12.20 -16.43
C GLN B 11 -29.61 11.23 -15.68
N ASP B 12 -28.30 11.45 -15.80
CA ASP B 12 -27.33 10.46 -15.36
C ASP B 12 -27.10 10.55 -13.87
N LEU B 13 -26.99 9.41 -13.21
CA LEU B 13 -26.73 9.33 -11.80
C LEU B 13 -25.54 10.17 -11.37
N SER B 14 -24.45 10.09 -12.11
CA SER B 14 -23.27 10.89 -11.81
C SER B 14 -23.56 12.38 -11.77
N GLU B 15 -24.37 12.86 -12.72
CA GLU B 15 -24.77 14.26 -12.69
C GLU B 15 -25.75 14.56 -11.56
N ALA B 16 -26.66 13.64 -11.32
CA ALA B 16 -27.61 13.80 -10.23
C ALA B 16 -26.86 13.91 -8.88
N LEU B 17 -25.91 13.00 -8.64
CA LEU B 17 -25.11 13.06 -7.41
C LEU B 17 -24.39 14.37 -7.22
N LYS B 18 -23.84 14.92 -8.30
CA LYS B 18 -23.03 16.15 -8.23
C LYS B 18 -23.88 17.36 -7.92
N GLU B 19 -25.03 17.50 -8.57
CA GLU B 19 -25.92 18.64 -8.32
C GLU B 19 -26.56 18.52 -6.96
N ALA B 20 -26.97 17.31 -6.59
CA ALA B 20 -27.63 17.08 -5.34
C ALA B 20 -26.73 17.41 -4.15
N THR B 21 -25.42 17.21 -4.32
CA THR B 21 -24.50 17.45 -3.20
C THR B 21 -23.75 18.79 -3.25
N LYS B 22 -23.99 19.61 -4.26
CA LYS B 22 -23.25 20.88 -4.39
C LYS B 22 -23.27 21.71 -3.07
N GLU B 23 -24.45 21.81 -2.46
CA GLU B 23 -24.63 22.66 -1.29
C GLU B 23 -23.91 22.08 -0.07
N VAL B 24 -24.14 20.80 0.24
CA VAL B 24 -23.43 20.18 1.35
C VAL B 24 -21.90 20.17 1.10
N HIS B 25 -21.50 20.09 -0.17
CA HIS B 25 -20.10 20.09 -0.49
C HIS B 25 -19.50 21.46 -0.14
N THR B 26 -20.25 22.53 -0.39
CA THR B 26 -19.77 23.87 -0.04
C THR B 26 -19.77 24.03 1.48
N GLN B 27 -20.73 23.39 2.14
CA GLN B 27 -20.72 23.33 3.62
C GLN B 27 -19.43 22.73 4.15
N ALA B 28 -19.03 21.57 3.59
CA ALA B 28 -17.76 20.89 3.95
C ALA B 28 -16.54 21.78 3.67
N GLU B 29 -16.55 22.47 2.53
CA GLU B 29 -15.54 23.50 2.24
C GLU B 29 -15.41 24.57 3.31
N ASN B 30 -16.54 24.94 3.91
CA ASN B 30 -16.59 25.98 4.92
C ASN B 30 -16.55 25.55 6.37
N ALA B 31 -16.51 24.25 6.65
CA ALA B 31 -16.20 23.73 7.99
C ALA B 31 -14.89 24.39 8.44
N GLU B 32 -14.90 24.91 9.66
CA GLU B 32 -13.79 25.68 10.17
C GLU B 32 -12.47 24.94 10.02
N PHE B 33 -12.46 23.66 10.31
CA PHE B 33 -11.26 22.87 10.17
C PHE B 33 -10.72 22.83 8.72
N MET B 34 -11.61 22.74 7.74
CA MET B 34 -11.22 22.76 6.32
C MET B 34 -10.74 24.10 5.82
N ARG B 35 -11.45 25.16 6.18
CA ARG B 35 -10.99 26.52 5.89
C ARG B 35 -9.60 26.74 6.42
N ASN B 36 -9.39 26.38 7.68
CA ASN B 36 -8.06 26.43 8.28
C ASN B 36 -7.03 25.62 7.51
N PHE B 37 -7.39 24.40 7.16
CA PHE B 37 -6.48 23.54 6.41
C PHE B 37 -6.04 24.22 5.12
N GLN B 38 -7.00 24.69 4.33
CA GLN B 38 -6.69 25.31 3.04
C GLN B 38 -5.91 26.62 3.14
N LYS B 39 -6.08 27.38 4.23
CA LYS B 39 -5.21 28.56 4.48
C LYS B 39 -3.77 28.22 4.95
N GLY B 40 -3.45 26.92 5.07
CA GLY B 40 -2.15 26.47 5.53
C GLY B 40 -2.03 26.24 7.02
N GLN B 41 -3.13 26.43 7.77
CA GLN B 41 -3.13 26.27 9.20
C GLN B 41 -3.58 24.84 9.51
N VAL B 42 -2.63 23.93 9.48
CA VAL B 42 -2.86 22.61 10.03
C VAL B 42 -1.60 22.18 10.77
N THR B 43 -1.78 21.53 11.91
CA THR B 43 -0.68 21.11 12.77
C THR B 43 -0.48 19.63 12.56
N ARG B 44 0.62 19.09 13.09
CA ARG B 44 0.85 17.66 13.01
C ARG B 44 -0.23 16.92 13.75
N ASP B 45 -0.58 17.45 14.93
CA ASP B 45 -1.68 16.94 15.72
C ASP B 45 -2.97 16.84 14.91
N GLY B 46 -3.31 17.93 14.25
CA GLY B 46 -4.47 17.96 13.40
C GLY B 46 -4.41 16.94 12.26
N PHE B 47 -3.26 16.89 11.60
CA PHE B 47 -3.10 16.02 10.45
C PHE B 47 -3.18 14.55 10.85
N LYS B 48 -2.55 14.23 11.99
CA LYS B 48 -2.66 12.92 12.55
C LYS B 48 -4.09 12.48 12.69
N LEU B 49 -4.92 13.37 13.27
CA LEU B 49 -6.36 13.07 13.38
C LEU B 49 -7.05 12.88 12.04
N VAL B 50 -6.72 13.69 11.03
CA VAL B 50 -7.32 13.42 9.69
C VAL B 50 -6.91 12.07 9.16
N MET B 51 -5.65 11.72 9.33
CA MET B 51 -5.18 10.43 8.83
C MET B 51 -5.81 9.27 9.54
N ALA B 52 -5.93 9.40 10.88
CA ALA B 52 -6.61 8.41 11.66
C ALA B 52 -8.01 8.23 11.19
N SER B 53 -8.69 9.36 10.98
CA SER B 53 -10.10 9.31 10.55
C SER B 53 -10.25 8.58 9.21
N LEU B 54 -9.40 8.98 8.27
CA LEU B 54 -9.39 8.39 6.96
C LEU B 54 -9.21 6.90 7.02
N TYR B 55 -8.30 6.44 7.88
CA TYR B 55 -8.06 5.04 8.03
C TYR B 55 -9.30 4.27 8.46
N HIS B 56 -9.93 4.70 9.56
CA HIS B 56 -11.11 4.00 10.03
C HIS B 56 -12.21 3.97 8.96
N ILE B 57 -12.38 5.11 8.29
CA ILE B 57 -13.39 5.24 7.25
C ILE B 57 -13.13 4.24 6.12
N TYR B 58 -11.95 4.35 5.53
CA TYR B 58 -11.60 3.46 4.45
C TYR B 58 -11.56 2.00 4.82
N VAL B 59 -11.20 1.67 6.06
CA VAL B 59 -11.31 0.29 6.48
C VAL B 59 -12.75 -0.18 6.38
N ALA B 60 -13.71 0.63 6.89
CA ALA B 60 -15.08 0.24 6.91
C ALA B 60 -15.62 0.17 5.47
N LEU B 61 -15.27 1.17 4.66
CA LEU B 61 -15.74 1.23 3.28
C LEU B 61 -15.31 0.03 2.43
N GLU B 62 -14.02 -0.29 2.50
CA GLU B 62 -13.41 -1.29 1.65
C GLU B 62 -13.84 -2.65 2.11
N GLU B 63 -14.06 -2.79 3.41
CA GLU B 63 -14.66 -3.98 3.96
C GLU B 63 -16.02 -4.26 3.31
N GLU B 64 -16.85 -3.23 3.23
CA GLU B 64 -18.19 -3.39 2.69
C GLU B 64 -18.17 -3.50 1.14
N ILE B 65 -17.22 -2.84 0.50
CA ILE B 65 -17.01 -3.06 -0.93
C ILE B 65 -16.69 -4.51 -1.21
N GLU B 66 -15.75 -5.08 -0.47
CA GLU B 66 -15.41 -6.49 -0.62
C GLU B 66 -16.59 -7.43 -0.38
N ARG B 67 -17.41 -7.17 0.63
CA ARG B 67 -18.64 -7.96 0.83
C ARG B 67 -19.57 -7.96 -0.43
N ASN B 68 -19.71 -6.81 -1.06
CA ASN B 68 -20.74 -6.63 -2.09
C ASN B 68 -20.18 -6.53 -3.50
N LYS B 69 -18.93 -6.91 -3.69
CA LYS B 69 -18.22 -6.60 -4.94
C LYS B 69 -18.85 -7.30 -6.14
N GLU B 70 -19.43 -8.47 -5.90
CA GLU B 70 -20.04 -9.26 -6.96
C GLU B 70 -21.53 -9.01 -7.12
N SER B 71 -22.11 -8.10 -6.33
CA SER B 71 -23.50 -7.81 -6.49
C SER B 71 -23.71 -6.84 -7.62
N PRO B 72 -24.76 -7.04 -8.42
CA PRO B 72 -25.08 -6.06 -9.45
C PRO B 72 -25.23 -4.65 -8.93
N VAL B 73 -25.56 -4.46 -7.65
CA VAL B 73 -25.70 -3.09 -7.08
C VAL B 73 -24.32 -2.37 -6.94
N PHE B 74 -23.22 -3.13 -7.07
CA PHE B 74 -21.87 -2.54 -6.96
C PHE B 74 -20.81 -3.03 -7.89
N ALA B 75 -20.86 -4.28 -8.36
CA ALA B 75 -19.86 -4.76 -9.34
C ALA B 75 -19.40 -3.77 -10.44
N PRO B 76 -20.34 -3.08 -11.14
CA PRO B 76 -19.93 -2.13 -12.16
C PRO B 76 -18.95 -1.05 -11.74
N VAL B 77 -18.92 -0.67 -10.46
CA VAL B 77 -17.98 0.39 -10.00
C VAL B 77 -16.90 -0.20 -9.09
N TYR B 78 -16.69 -1.52 -9.16
CA TYR B 78 -15.66 -2.19 -8.39
C TYR B 78 -14.28 -2.02 -9.09
N PHE B 79 -13.47 -1.09 -8.60
CA PHE B 79 -12.11 -0.90 -9.05
C PHE B 79 -11.06 -1.10 -7.89
N PRO B 80 -10.86 -2.34 -7.46
CA PRO B 80 -10.00 -2.59 -6.32
C PRO B 80 -8.56 -2.06 -6.49
N GLU B 81 -7.89 -2.38 -7.58
CA GLU B 81 -6.52 -1.93 -7.76
C GLU B 81 -6.40 -0.42 -7.89
N GLU B 82 -7.32 0.21 -8.58
CA GLU B 82 -7.19 1.62 -8.85
C GLU B 82 -7.43 2.50 -7.62
N LEU B 83 -8.30 2.03 -6.73
CA LEU B 83 -8.82 2.89 -5.67
C LEU B 83 -8.45 2.54 -4.25
N HIS B 84 -8.07 1.29 -4.00
CA HIS B 84 -7.97 0.88 -2.64
C HIS B 84 -6.99 1.82 -1.89
N ARG B 85 -7.41 2.23 -0.70
CA ARG B 85 -6.63 3.16 0.17
C ARG B 85 -6.21 2.62 1.52
N LYS B 86 -6.75 1.47 1.95
CA LYS B 86 -6.41 0.97 3.26
C LYS B 86 -4.90 0.84 3.37
N ALA B 87 -4.25 0.13 2.43
CA ALA B 87 -2.83 -0.19 2.60
C ALA B 87 -2.02 1.08 2.66
N ALA B 88 -2.38 2.09 1.87
CA ALA B 88 -1.63 3.37 1.86
C ALA B 88 -1.76 4.10 3.15
N LEU B 89 -2.92 3.99 3.80
CA LEU B 89 -3.17 4.62 5.07
C LEU B 89 -2.44 3.87 6.21
N GLU B 90 -2.35 2.55 6.08
CA GLU B 90 -1.54 1.77 7.00
C GLU B 90 -0.09 2.26 6.96
N GLN B 91 0.44 2.44 5.74
CA GLN B 91 1.78 2.96 5.58
C GLN B 91 1.94 4.35 6.25
N ASP B 92 0.99 5.24 6.01
CA ASP B 92 1.09 6.61 6.57
C ASP B 92 0.98 6.64 8.09
N LEU B 93 0.05 5.86 8.63
CA LEU B 93 -0.14 5.79 10.04
C LEU B 93 1.09 5.28 10.79
N ALA B 94 1.78 4.29 10.25
CA ALA B 94 3.01 3.83 10.87
C ALA B 94 4.05 4.96 10.92
N PHE B 95 4.07 5.83 9.95
CA PHE B 95 4.97 6.98 10.02
C PHE B 95 4.47 8.00 11.04
N TRP B 96 3.16 8.29 11.03
CA TRP B 96 2.62 9.34 11.88
C TRP B 96 2.57 8.92 13.35
N TYR B 97 2.27 7.68 13.61
CA TYR B 97 2.11 7.22 14.97
C TYR B 97 3.11 6.18 15.47
N GLY B 98 3.93 5.63 14.58
CA GLY B 98 4.96 4.67 14.94
C GLY B 98 4.49 3.26 14.71
N PRO B 99 5.35 2.27 15.07
CA PRO B 99 5.09 0.88 14.81
C PRO B 99 3.87 0.34 15.52
N ARG B 100 3.51 0.91 16.67
CA ARG B 100 2.33 0.48 17.38
C ARG B 100 1.11 1.33 17.10
N TRP B 101 1.07 1.96 15.92
CA TRP B 101 -0.03 2.88 15.50
C TRP B 101 -1.39 2.27 15.67
N GLN B 102 -1.53 0.98 15.42
CA GLN B 102 -2.84 0.33 15.44
C GLN B 102 -3.45 0.32 16.86
N GLU B 103 -2.62 0.20 17.87
CA GLU B 103 -3.03 0.20 19.27
C GLU B 103 -3.34 1.60 19.77
N VAL B 104 -2.75 2.64 19.19
CA VAL B 104 -2.79 3.95 19.79
C VAL B 104 -3.59 4.99 19.01
N ILE B 105 -3.96 4.72 17.76
CA ILE B 105 -4.67 5.77 16.98
C ILE B 105 -6.01 6.02 17.68
N PRO B 106 -6.44 7.27 17.71
CA PRO B 106 -7.78 7.53 18.29
C PRO B 106 -8.92 6.94 17.45
N TYR B 107 -10.06 6.65 18.12
CA TYR B 107 -11.33 6.30 17.45
C TYR B 107 -12.43 7.04 18.14
N THR B 108 -12.84 8.17 17.57
CA THR B 108 -13.71 9.15 18.23
C THR B 108 -15.16 8.94 17.85
N PRO B 109 -16.10 9.52 18.64
CA PRO B 109 -17.51 9.34 18.28
C PRO B 109 -17.89 9.75 16.83
N ALA B 110 -17.39 10.86 16.31
CA ALA B 110 -17.72 11.22 14.90
C ALA B 110 -17.08 10.24 13.90
N MET B 111 -15.95 9.63 14.27
CA MET B 111 -15.35 8.64 13.37
C MET B 111 -16.25 7.39 13.32
N GLN B 112 -16.69 6.97 14.49
CA GLN B 112 -17.53 5.78 14.70
C GLN B 112 -18.89 5.95 14.07
N ARG B 113 -19.50 7.14 14.19
CA ARG B 113 -20.77 7.40 13.47
C ARG B 113 -20.60 7.14 11.96
N TYR B 114 -19.49 7.59 11.39
CA TYR B 114 -19.25 7.35 9.94
C TYR B 114 -19.08 5.86 9.67
N VAL B 115 -18.24 5.20 10.46
CA VAL B 115 -17.96 3.77 10.29
C VAL B 115 -19.24 2.98 10.42
N LYS B 116 -20.08 3.38 11.40
CA LYS B 116 -21.29 2.61 11.71
C LYS B 116 -22.25 2.66 10.53
N ARG B 117 -22.41 3.85 9.96
CA ARG B 117 -23.27 3.97 8.77
C ARG B 117 -22.75 3.19 7.58
N LEU B 118 -21.44 3.29 7.31
CA LEU B 118 -20.84 2.52 6.23
C LEU B 118 -21.16 1.04 6.36
N HIS B 119 -21.07 0.49 7.57
CA HIS B 119 -21.38 -0.90 7.81
C HIS B 119 -22.88 -1.21 7.69
N GLU B 120 -23.74 -0.31 8.17
CA GLU B 120 -25.18 -0.45 7.98
C GLU B 120 -25.51 -0.59 6.50
N VAL B 121 -25.01 0.36 5.71
CA VAL B 121 -25.22 0.37 4.28
C VAL B 121 -24.73 -0.94 3.63
N GLY B 122 -23.48 -1.33 3.89
CA GLY B 122 -22.98 -2.56 3.30
C GLY B 122 -23.74 -3.82 3.71
N ARG B 123 -24.21 -3.85 4.95
CA ARG B 123 -24.83 -5.04 5.47
C ARG B 123 -26.30 -5.11 5.12
N THR B 124 -26.99 -3.98 5.06
CA THR B 124 -28.45 -3.98 4.91
C THR B 124 -29.01 -3.13 3.75
N GLU B 125 -28.26 -2.16 3.23
CA GLU B 125 -28.68 -1.40 2.08
C GLU B 125 -27.54 -1.26 1.09
N PRO B 126 -26.97 -2.38 0.63
CA PRO B 126 -25.77 -2.29 -0.21
C PRO B 126 -25.93 -1.56 -1.53
N GLU B 127 -27.18 -1.43 -1.97
CA GLU B 127 -27.55 -0.60 -3.10
C GLU B 127 -27.13 0.83 -2.95
N LEU B 128 -26.87 1.25 -1.72
CA LEU B 128 -26.46 2.63 -1.45
C LEU B 128 -24.92 2.82 -1.31
N LEU B 129 -24.19 1.73 -1.32
CA LEU B 129 -22.74 1.82 -1.13
C LEU B 129 -22.05 2.72 -2.14
N VAL B 130 -22.58 2.71 -3.37
CA VAL B 130 -22.11 3.60 -4.42
C VAL B 130 -22.09 5.06 -4.00
N ALA B 131 -23.10 5.52 -3.24
CA ALA B 131 -23.10 6.87 -2.71
C ALA B 131 -21.86 7.16 -1.87
N HIS B 132 -21.49 6.20 -1.02
CA HIS B 132 -20.30 6.36 -0.19
C HIS B 132 -18.98 6.27 -0.94
N ALA B 133 -18.91 5.37 -1.90
CA ALA B 133 -17.75 5.18 -2.77
C ALA B 133 -17.49 6.41 -3.62
N TYR B 134 -18.58 6.93 -4.21
CA TYR B 134 -18.57 8.23 -4.88
C TYR B 134 -17.97 9.36 -4.02
N THR B 135 -18.61 9.61 -2.88
CA THR B 135 -18.24 10.74 -2.04
C THR B 135 -16.76 10.67 -1.65
N ARG B 136 -16.33 9.48 -1.28
CA ARG B 136 -14.97 9.27 -0.89
C ARG B 136 -14.04 9.30 -2.08
N TYR B 137 -14.13 8.32 -2.98
CA TYR B 137 -13.07 8.11 -3.95
C TYR B 137 -13.03 9.23 -4.94
N LEU B 138 -14.19 9.71 -5.41
CA LEU B 138 -14.16 10.80 -6.43
C LEU B 138 -13.64 12.10 -5.87
N GLY B 139 -13.99 12.38 -4.63
CA GLY B 139 -13.51 13.57 -3.99
C GLY B 139 -12.03 13.41 -3.75
N ASP B 140 -11.64 12.27 -3.18
CA ASP B 140 -10.21 12.01 -2.80
C ASP B 140 -9.31 12.06 -4.00
N LEU B 141 -9.85 11.66 -5.14
CA LEU B 141 -9.18 11.89 -6.41
C LEU B 141 -9.06 13.32 -6.86
N SER B 142 -10.08 14.13 -6.63
CA SER B 142 -10.17 15.46 -7.24
C SER B 142 -9.30 16.54 -6.63
N GLY B 143 -8.57 16.22 -5.58
CA GLY B 143 -7.92 17.24 -4.80
C GLY B 143 -6.74 16.87 -3.95
N GLY B 144 -6.29 15.62 -4.06
CA GLY B 144 -4.98 15.20 -3.53
C GLY B 144 -3.82 16.07 -4.00
N GLN B 145 -3.93 16.67 -5.19
CA GLN B 145 -2.86 17.52 -5.79
C GLN B 145 -2.53 18.77 -4.95
N VAL B 146 -3.54 19.62 -4.80
CA VAL B 146 -3.38 20.92 -4.17
C VAL B 146 -3.23 20.82 -2.65
N LEU B 147 -4.00 19.92 -2.01
CA LEU B 147 -3.97 19.75 -0.56
C LEU B 147 -2.74 18.99 -0.09
N LYS B 148 -2.23 18.08 -0.91
CA LYS B 148 -0.96 17.44 -0.60
C LYS B 148 0.11 18.50 -0.44
N LYS B 149 0.25 19.38 -1.43
CA LYS B 149 1.25 20.45 -1.37
C LYS B 149 1.04 21.37 -0.17
N ILE B 150 -0.21 21.66 0.15
CA ILE B 150 -0.51 22.48 1.32
C ILE B 150 -0.04 21.73 2.60
N ALA B 151 -0.34 20.44 2.68
CA ALA B 151 0.09 19.63 3.80
C ALA B 151 1.60 19.63 3.83
N GLN B 152 2.24 19.41 2.68
CA GLN B 152 3.71 19.34 2.58
C GLN B 152 4.38 20.60 3.16
N LYS B 153 3.85 21.77 2.81
CA LYS B 153 4.45 23.03 3.24
C LYS B 153 4.14 23.27 4.70
N ALA B 154 2.95 22.84 5.16
CA ALA B 154 2.57 23.08 6.54
C ALA B 154 3.30 22.14 7.52
N LEU B 155 3.56 20.90 7.13
CA LEU B 155 3.99 19.89 8.06
C LEU B 155 5.53 19.71 8.14
N ASP B 156 6.25 20.13 7.08
CA ASP B 156 7.69 20.23 7.07
C ASP B 156 8.27 18.91 7.48
N LEU B 157 7.91 17.90 6.71
CA LEU B 157 8.28 16.51 7.02
C LEU B 157 9.79 16.29 7.02
N PRO B 158 10.26 15.31 7.80
CA PRO B 158 11.60 14.81 7.53
C PRO B 158 11.66 14.22 6.09
N SER B 159 12.85 14.14 5.52
CA SER B 159 13.00 13.60 4.17
C SER B 159 13.13 12.06 4.19
N SER B 160 12.15 11.39 4.81
CA SER B 160 12.25 9.97 5.01
C SER B 160 11.24 9.22 4.11
N GLY B 161 10.65 9.90 3.12
CA GLY B 161 9.91 9.29 2.08
C GLY B 161 8.65 8.55 2.48
N GLU B 162 7.96 8.99 3.53
CA GLU B 162 6.74 8.38 4.07
C GLU B 162 5.82 9.43 4.66
N GLY B 163 4.57 9.01 4.77
CA GLY B 163 3.61 9.76 5.49
C GLY B 163 2.50 10.36 4.69
N LEU B 164 2.65 10.41 3.38
CA LEU B 164 1.61 11.02 2.51
C LEU B 164 1.19 10.10 1.37
N ALA B 165 1.37 8.80 1.50
CA ALA B 165 1.00 7.90 0.43
C ALA B 165 -0.48 7.98 0.10
N PHE B 166 -1.30 8.32 1.10
CA PHE B 166 -2.73 8.43 0.87
C PHE B 166 -3.10 9.33 -0.34
N PHE B 167 -2.34 10.38 -0.56
CA PHE B 167 -2.63 11.37 -1.56
C PHE B 167 -2.15 11.00 -2.99
N THR B 168 -1.56 9.82 -3.18
CA THR B 168 -1.26 9.27 -4.50
C THR B 168 -2.00 7.94 -4.70
N PHE B 169 -2.83 7.89 -5.75
CA PHE B 169 -3.39 6.63 -6.24
C PHE B 169 -2.44 6.14 -7.35
N PRO B 170 -1.45 5.31 -7.00
CA PRO B 170 -0.43 4.94 -7.99
C PRO B 170 -0.94 4.17 -9.20
N ASN B 171 -2.04 3.42 -9.03
CA ASN B 171 -2.56 2.62 -10.11
C ASN B 171 -3.53 3.38 -11.02
N ILE B 172 -3.62 4.70 -10.84
CA ILE B 172 -4.37 5.56 -11.75
C ILE B 172 -3.38 6.53 -12.36
N ALA B 173 -3.19 6.46 -13.68
CA ALA B 173 -2.30 7.43 -14.38
C ALA B 173 -2.90 8.79 -14.56
N SER B 174 -4.21 8.88 -14.71
CA SER B 174 -4.91 10.15 -14.94
C SER B 174 -6.21 10.14 -14.13
N ALA B 175 -6.30 10.99 -13.13
CA ALA B 175 -7.53 11.09 -12.31
C ALA B 175 -8.74 11.54 -13.15
N THR B 176 -8.50 12.44 -14.10
CA THR B 176 -9.59 12.93 -14.93
C THR B 176 -10.15 11.76 -15.76
N LYS B 177 -9.26 10.99 -16.39
CA LYS B 177 -9.73 9.86 -17.21
C LYS B 177 -10.35 8.76 -16.36
N PHE B 178 -9.81 8.50 -15.16
CA PHE B 178 -10.46 7.52 -14.29
C PHE B 178 -11.84 7.99 -13.83
N LYS B 179 -11.92 9.26 -13.44
CA LYS B 179 -13.22 9.87 -13.07
C LYS B 179 -14.28 9.66 -14.16
N GLN B 180 -13.89 9.88 -15.41
CA GLN B 180 -14.78 9.63 -16.55
C GLN B 180 -15.31 8.21 -16.59
N LEU B 181 -14.44 7.23 -16.49
CA LEU B 181 -14.84 5.83 -16.52
C LEU B 181 -15.73 5.50 -15.33
N TYR B 182 -15.39 6.03 -14.16
CA TYR B 182 -16.15 5.74 -12.94
C TYR B 182 -17.58 6.29 -13.12
N ARG B 183 -17.70 7.50 -13.65
CA ARG B 183 -19.04 8.08 -13.87
C ARG B 183 -19.82 7.19 -14.83
N SER B 184 -19.15 6.82 -15.91
CA SER B 184 -19.76 5.95 -16.88
C SER B 184 -20.31 4.71 -16.21
N ARG B 185 -19.52 4.11 -15.34
CA ARG B 185 -19.85 2.87 -14.70
C ARG B 185 -20.95 3.05 -13.69
N MET B 186 -20.95 4.22 -13.03
CA MET B 186 -22.07 4.56 -12.11
C MET B 186 -23.39 4.67 -12.91
N ASN B 187 -23.33 5.36 -14.04
CA ASN B 187 -24.51 5.55 -14.87
C ASN B 187 -25.04 4.25 -15.49
N SER B 188 -24.29 3.16 -15.40
CA SER B 188 -24.75 1.86 -15.88
C SER B 188 -25.45 1.11 -14.79
N LEU B 189 -25.40 1.60 -13.55
CA LEU B 189 -26.06 0.86 -12.48
C LEU B 189 -27.57 0.88 -12.67
N GLU B 190 -28.19 -0.24 -12.41
CA GLU B 190 -29.64 -0.37 -12.52
C GLU B 190 -30.24 -0.34 -11.12
N MET B 191 -31.29 0.43 -10.97
CA MET B 191 -31.95 0.56 -9.67
C MET B 191 -33.33 1.11 -9.90
N THR B 192 -34.23 0.79 -8.97
CA THR B 192 -35.60 1.35 -8.99
C THR B 192 -35.54 2.83 -8.70
N PRO B 193 -36.64 3.56 -9.02
CA PRO B 193 -36.60 5.00 -8.77
C PRO B 193 -36.46 5.31 -7.28
N ALA B 194 -37.06 4.48 -6.44
CA ALA B 194 -36.97 4.65 -5.00
C ALA B 194 -35.52 4.44 -4.51
N VAL B 195 -34.87 3.38 -5.02
CA VAL B 195 -33.48 3.18 -4.68
C VAL B 195 -32.62 4.39 -5.10
N ARG B 196 -32.91 4.99 -6.24
CA ARG B 196 -32.10 6.06 -6.79
C ARG B 196 -32.24 7.29 -5.96
N GLN B 197 -33.46 7.57 -5.53
CA GLN B 197 -33.69 8.60 -4.56
C GLN B 197 -32.86 8.38 -3.28
N ARG B 198 -32.88 7.17 -2.75
CA ARG B 198 -32.10 6.86 -1.57
C ARG B 198 -30.59 7.01 -1.78
N VAL B 199 -30.09 6.62 -2.97
CA VAL B 199 -28.67 6.79 -3.34
C VAL B 199 -28.28 8.26 -3.29
N ILE B 200 -29.10 9.10 -3.88
CA ILE B 200 -28.85 10.52 -3.89
C ILE B 200 -28.85 11.10 -2.47
N GLU B 201 -29.85 10.75 -1.70
CA GLU B 201 -29.89 11.18 -0.30
C GLU B 201 -28.70 10.65 0.47
N GLU B 202 -28.34 9.38 0.21
CA GLU B 202 -27.18 8.78 0.90
C GLU B 202 -25.87 9.52 0.67
N ALA B 203 -25.74 10.13 -0.49
CA ALA B 203 -24.60 10.99 -0.77
C ALA B 203 -24.60 12.22 0.10
N LYS B 204 -25.78 12.83 0.30
CA LYS B 204 -25.89 13.96 1.23
C LYS B 204 -25.48 13.52 2.64
N THR B 205 -25.97 12.37 3.08
CA THR B 205 -25.59 11.84 4.39
C THR B 205 -24.08 11.71 4.54
N ALA B 206 -23.46 11.18 3.52
CA ALA B 206 -22.02 10.98 3.46
C ALA B 206 -21.33 12.32 3.71
N PHE B 207 -21.72 13.36 3.00
CA PHE B 207 -21.06 14.64 3.17
C PHE B 207 -21.26 15.13 4.61
N LEU B 208 -22.46 14.85 5.18
CA LEU B 208 -22.79 15.32 6.51
C LEU B 208 -22.00 14.59 7.59
N LEU B 209 -21.80 13.28 7.41
CA LEU B 209 -20.91 12.53 8.29
C LEU B 209 -19.48 13.13 8.26
N ASN B 210 -19.05 13.60 7.10
CA ASN B 210 -17.73 14.21 6.97
C ASN B 210 -17.72 15.57 7.69
N ILE B 211 -18.78 16.38 7.45
CA ILE B 211 -18.89 17.72 8.04
C ILE B 211 -18.90 17.60 9.58
N GLN B 212 -19.62 16.62 10.08
CA GLN B 212 -19.71 16.36 11.49
C GLN B 212 -18.41 15.91 12.08
N LEU B 213 -17.65 15.07 11.35
CA LEU B 213 -16.30 14.75 11.77
C LEU B 213 -15.41 15.96 11.80
N PHE B 214 -15.51 16.84 10.80
CA PHE B 214 -14.71 18.05 10.77
C PHE B 214 -14.96 18.92 11.98
N GLU B 215 -16.24 19.07 12.32
CA GLU B 215 -16.65 19.83 13.50
C GLU B 215 -16.08 19.20 14.77
N GLU B 216 -16.08 17.90 14.89
CA GLU B 216 -15.55 17.25 16.09
C GLU B 216 -14.02 17.46 16.17
N LEU B 217 -13.33 17.32 15.05
CA LEU B 217 -11.87 17.45 15.06
C LEU B 217 -11.47 18.84 15.50
N GLN B 218 -12.11 19.85 14.91
CA GLN B 218 -11.93 21.24 15.34
C GLN B 218 -12.13 21.40 16.89
N GLU B 219 -13.19 20.80 17.43
CA GLU B 219 -13.44 20.90 18.84
C GLU B 219 -12.32 20.21 19.64
N LEU B 220 -11.89 19.03 19.21
CA LEU B 220 -10.79 18.31 19.87
C LEU B 220 -9.50 19.11 19.87
N LEU B 221 -9.26 19.88 18.84
CA LEU B 221 -7.98 20.58 18.70
C LEU B 221 -7.97 21.98 19.33
N THR B 222 -9.14 22.56 19.60
CA THR B 222 -9.22 23.90 20.18
C THR B 222 -10.07 24.00 21.45
N HIS B 223 -10.88 22.98 21.76
CA HIS B 223 -11.90 23.00 22.82
C HIS B 223 -12.81 24.23 22.74
#